data_5BQ5
#
_entry.id   5BQ5
#
_cell.length_a   133.806
_cell.length_b   133.806
_cell.length_c   70.950
_cell.angle_alpha   90.000
_cell.angle_beta   90.000
_cell.angle_gamma   120.000
#
_symmetry.space_group_name_H-M   'P 61'
#
loop_
_entity.id
_entity.type
_entity.pdbx_description
1 polymer 'Insertion sequence IS5376 putative ATP-binding protein'
2 non-polymer "ADENOSINE-5'-DIPHOSPHATE"
3 non-polymer 'MAGNESIUM ION'
4 non-polymer 'BERYLLIUM TRIFLUORIDE ION'
5 water water
#
_entity_poly.entity_id   1
_entity_poly.type   'polypeptide(L)'
_entity_poly.pdbx_seq_one_letter_code
;GPNKLPYRKTIDTFDFTAQPSVDERRIRELLTLSFIDRKENILFLGPPGIGKTHLAISIG(MSE)EAIARGYKTYFITAH
DLVNQLRRADQEGKLEKKLRVFVKPTVLIIDE(MSE)GYLKLDPNSAHYLFQVIARRYEHAPIILTSNKSFGEWGEIVGD
SVLATA(MSE)LDRLLHHSIIFNLKGESYRLREKRLQEEKQ
;
_entity_poly.pdbx_strand_id   A,B,C
#
# COMPACT_ATOMS: atom_id res chain seq x y z
N ARG A 8 7.73 -9.71 -0.73
CA ARG A 8 6.40 -9.76 -1.33
C ARG A 8 6.47 -10.19 -2.79
N LYS A 9 6.22 -11.49 -2.99
CA LYS A 9 6.24 -12.12 -4.31
C LYS A 9 4.87 -12.70 -4.61
N THR A 10 4.44 -12.61 -5.87
CA THR A 10 3.17 -13.18 -6.26
C THR A 10 3.39 -14.22 -7.33
N ILE A 11 2.33 -14.97 -7.60
CA ILE A 11 2.37 -16.06 -8.57
C ILE A 11 2.64 -15.53 -9.97
N ASP A 12 2.26 -14.28 -10.23
CA ASP A 12 2.35 -13.71 -11.56
C ASP A 12 3.80 -13.41 -11.98
N THR A 13 4.71 -13.32 -11.03
CA THR A 13 6.12 -13.11 -11.33
C THR A 13 6.92 -14.42 -11.33
N PHE A 14 6.24 -15.53 -11.12
CA PHE A 14 6.90 -16.82 -11.08
C PHE A 14 7.03 -17.39 -12.50
N ASP A 15 8.27 -17.63 -12.90
CA ASP A 15 8.58 -18.20 -14.21
C ASP A 15 8.51 -19.73 -14.16
N PHE A 16 7.41 -20.29 -14.67
CA PHE A 16 7.20 -21.73 -14.69
C PHE A 16 8.02 -22.42 -15.77
N THR A 17 8.58 -21.67 -16.69
CA THR A 17 9.51 -22.23 -17.68
C THR A 17 10.87 -22.46 -17.06
N ALA A 18 11.30 -21.55 -16.20
CA ALA A 18 12.60 -21.68 -15.54
C ALA A 18 12.52 -22.73 -14.43
N GLN A 19 11.31 -23.02 -13.97
CA GLN A 19 11.07 -24.01 -12.91
C GLN A 19 9.99 -24.99 -13.36
N PRO A 20 10.34 -25.93 -14.25
CA PRO A 20 9.36 -26.86 -14.80
C PRO A 20 9.02 -28.02 -13.86
N SER A 21 9.70 -28.13 -12.72
CA SER A 21 9.42 -29.23 -11.80
C SER A 21 8.15 -28.99 -11.00
N VAL A 22 7.60 -27.79 -11.06
CA VAL A 22 6.31 -27.52 -10.43
C VAL A 22 5.25 -27.28 -11.52
N ASP A 23 4.10 -27.90 -11.33
CA ASP A 23 2.97 -27.80 -12.26
C ASP A 23 2.12 -26.59 -11.92
N GLU A 24 2.07 -25.62 -12.83
CA GLU A 24 1.33 -24.39 -12.60
C GLU A 24 -0.12 -24.67 -12.20
N ARG A 25 -0.70 -25.73 -12.76
CA ARG A 25 -2.09 -26.10 -12.43
C ARG A 25 -2.25 -26.41 -10.94
N ARG A 26 -1.32 -27.20 -10.39
CA ARG A 26 -1.37 -27.53 -8.98
C ARG A 26 -1.31 -26.27 -8.13
N ILE A 27 -0.47 -25.32 -8.55
CA ILE A 27 -0.30 -24.07 -7.81
C ILE A 27 -1.58 -23.24 -7.90
N ARG A 28 -2.23 -23.26 -9.05
CA ARG A 28 -3.47 -22.50 -9.20
C ARG A 28 -4.56 -23.11 -8.32
N GLU A 29 -4.51 -24.43 -8.11
CA GLU A 29 -5.43 -25.07 -7.18
C GLU A 29 -5.21 -24.55 -5.76
N LEU A 30 -3.95 -24.36 -5.36
CA LEU A 30 -3.64 -23.83 -4.04
C LEU A 30 -4.21 -22.42 -3.88
N LEU A 31 -4.16 -21.65 -4.96
CA LEU A 31 -4.57 -20.26 -4.92
C LEU A 31 -6.08 -20.11 -4.75
N THR A 32 -6.83 -21.20 -4.91
CA THR A 32 -8.26 -21.17 -4.61
C THR A 32 -8.46 -21.16 -3.10
N LEU A 33 -7.42 -21.50 -2.35
CA LEU A 33 -7.42 -21.51 -0.89
C LEU A 33 -8.36 -22.56 -0.31
N SER A 34 -8.74 -23.54 -1.15
CA SER A 34 -9.49 -24.71 -0.69
C SER A 34 -8.80 -25.39 0.49
N PHE A 35 -7.46 -25.44 0.46
CA PHE A 35 -6.70 -26.15 1.47
C PHE A 35 -6.98 -25.63 2.88
N ILE A 36 -7.42 -24.38 3.01
CA ILE A 36 -7.66 -23.80 4.32
C ILE A 36 -8.76 -24.53 5.07
N ASP A 37 -9.93 -24.67 4.45
CA ASP A 37 -11.04 -25.36 5.11
C ASP A 37 -10.77 -26.86 5.25
N ARG A 38 -9.99 -27.43 4.33
CA ARG A 38 -9.63 -28.84 4.41
C ARG A 38 -8.51 -29.08 5.43
N LYS A 39 -8.02 -28.00 6.04
CA LYS A 39 -7.01 -28.09 7.09
C LYS A 39 -5.72 -28.74 6.59
N GLU A 40 -5.43 -28.58 5.30
CA GLU A 40 -4.26 -29.19 4.70
C GLU A 40 -3.01 -28.31 4.76
N ASN A 41 -1.91 -28.90 5.20
CA ASN A 41 -0.63 -28.21 5.20
C ASN A 41 0.00 -28.30 3.81
N ILE A 42 0.79 -27.30 3.43
CA ILE A 42 1.46 -27.30 2.14
C ILE A 42 2.95 -27.33 2.38
N LEU A 43 3.64 -28.29 1.76
CA LEU A 43 5.07 -28.44 1.94
C LEU A 43 5.82 -28.31 0.62
N PHE A 44 6.77 -27.39 0.59
CA PHE A 44 7.66 -27.21 -0.54
C PHE A 44 9.05 -27.69 -0.15
N LEU A 45 9.52 -28.73 -0.83
CA LEU A 45 10.82 -29.33 -0.54
C LEU A 45 11.75 -29.26 -1.74
N GLY A 46 13.05 -29.13 -1.48
CA GLY A 46 14.05 -29.15 -2.53
C GLY A 46 15.25 -28.26 -2.26
N PRO A 47 16.25 -28.32 -3.14
CA PRO A 47 17.50 -27.58 -2.94
C PRO A 47 17.32 -26.06 -2.94
N PRO A 48 18.36 -25.31 -2.51
CA PRO A 48 18.30 -23.85 -2.38
C PRO A 48 18.01 -23.12 -3.70
N GLY A 49 17.19 -22.07 -3.61
CA GLY A 49 17.03 -21.12 -4.69
C GLY A 49 16.06 -21.50 -5.80
N ILE A 50 15.25 -22.53 -5.59
CA ILE A 50 14.41 -23.06 -6.66
C ILE A 50 12.96 -22.57 -6.64
N GLY A 51 12.63 -21.73 -5.66
CA GLY A 51 11.33 -21.07 -5.64
C GLY A 51 10.39 -21.49 -4.51
N LYS A 52 10.91 -22.23 -3.54
CA LYS A 52 10.09 -22.71 -2.44
C LYS A 52 9.47 -21.56 -1.64
N THR A 53 10.30 -20.64 -1.18
CA THR A 53 9.84 -19.52 -0.37
C THR A 53 8.99 -18.58 -1.21
N HIS A 54 9.35 -18.40 -2.47
CA HIS A 54 8.58 -17.58 -3.40
C HIS A 54 7.15 -18.08 -3.50
N LEU A 55 6.99 -19.38 -3.74
CA LEU A 55 5.67 -19.99 -3.86
C LEU A 55 4.89 -19.90 -2.56
N ALA A 56 5.56 -20.17 -1.44
CA ALA A 56 4.91 -20.08 -0.13
C ALA A 56 4.37 -18.67 0.12
N ILE A 57 5.18 -17.67 -0.19
CA ILE A 57 4.77 -16.28 0.01
C ILE A 57 3.63 -15.93 -0.95
N SER A 58 3.69 -16.44 -2.18
CA SER A 58 2.64 -16.18 -3.15
C SER A 58 1.28 -16.64 -2.63
N ILE A 59 1.25 -17.80 -1.99
CA ILE A 59 0.00 -18.34 -1.47
C ILE A 59 -0.44 -17.49 -0.29
N GLY A 60 0.50 -17.13 0.57
CA GLY A 60 0.22 -16.25 1.69
C GLY A 60 -0.38 -14.92 1.27
N GLU A 62 -2.09 -14.32 -1.44
CA GLU A 62 -3.46 -14.56 -1.88
C GLU A 62 -4.37 -14.67 -0.67
N ALA A 63 -3.91 -15.35 0.37
CA ALA A 63 -4.71 -15.51 1.58
C ALA A 63 -4.98 -14.16 2.22
N ILE A 64 -3.97 -13.32 2.32
CA ILE A 64 -4.12 -11.99 2.88
C ILE A 64 -5.12 -11.18 2.05
N ALA A 65 -4.99 -11.25 0.74
CA ALA A 65 -5.89 -10.50 -0.16
C ALA A 65 -7.34 -10.98 -0.02
N ARG A 66 -7.51 -12.24 0.34
CA ARG A 66 -8.84 -12.82 0.51
C ARG A 66 -9.32 -12.71 1.96
N GLY A 67 -8.57 -12.00 2.79
CA GLY A 67 -9.02 -11.68 4.14
C GLY A 67 -8.64 -12.65 5.23
N TYR A 68 -7.70 -13.56 4.96
CA TYR A 68 -7.25 -14.50 5.98
C TYR A 68 -5.99 -13.98 6.66
N LYS A 69 -5.95 -14.02 7.98
CA LYS A 69 -4.74 -13.60 8.71
C LYS A 69 -3.60 -14.56 8.40
N THR A 70 -2.45 -13.99 8.07
CA THR A 70 -1.30 -14.77 7.62
C THR A 70 -0.04 -14.30 8.32
N TYR A 71 0.78 -15.25 8.72
CA TYR A 71 2.01 -14.95 9.45
C TYR A 71 3.18 -15.74 8.88
N PHE A 72 4.31 -15.06 8.71
CA PHE A 72 5.52 -15.65 8.14
C PHE A 72 6.63 -15.61 9.17
N ILE A 73 7.34 -16.73 9.32
CA ILE A 73 8.48 -16.79 10.22
C ILE A 73 9.35 -17.99 9.89
N THR A 74 10.67 -17.85 10.03
CA THR A 74 11.56 -18.97 9.80
C THR A 74 11.42 -19.95 10.96
N ALA A 75 11.85 -21.19 10.75
CA ALA A 75 11.73 -22.21 11.78
C ALA A 75 12.63 -21.92 12.98
N HIS A 76 13.85 -21.45 12.70
CA HIS A 76 14.80 -21.11 13.75
C HIS A 76 14.31 -19.93 14.59
N ASP A 77 13.73 -18.92 13.93
CA ASP A 77 13.18 -17.77 14.64
C ASP A 77 11.99 -18.16 15.52
N LEU A 78 11.14 -19.05 15.01
CA LEU A 78 9.97 -19.50 15.76
C LEU A 78 10.39 -20.22 17.04
N VAL A 79 11.37 -21.11 16.91
CA VAL A 79 11.83 -21.90 18.04
C VAL A 79 12.47 -20.99 19.08
N ASN A 80 13.29 -20.06 18.62
CA ASN A 80 13.99 -19.15 19.51
C ASN A 80 13.07 -18.18 20.23
N GLN A 81 12.04 -17.69 19.53
CA GLN A 81 11.12 -16.74 20.13
C GLN A 81 10.26 -17.42 21.20
N LEU A 82 9.84 -18.65 20.94
CA LEU A 82 9.01 -19.40 21.87
C LEU A 82 9.81 -19.81 23.10
N ARG A 83 11.11 -20.00 22.92
CA ARG A 83 12.00 -20.34 24.01
C ARG A 83 12.02 -19.19 25.02
N ARG A 84 12.33 -18.00 24.53
CA ARG A 84 12.33 -16.80 25.37
C ARG A 84 11.01 -16.58 26.09
N ALA A 85 9.90 -16.68 25.36
CA ALA A 85 8.57 -16.51 25.94
C ALA A 85 8.33 -17.49 27.09
N ASP A 86 8.95 -18.66 27.00
CA ASP A 86 8.79 -19.69 28.03
C ASP A 86 9.65 -19.35 29.24
N GLN A 87 10.83 -18.80 28.99
CA GLN A 87 11.73 -18.36 30.07
C GLN A 87 11.09 -17.27 30.90
N GLU A 88 10.24 -16.46 30.27
CA GLU A 88 9.55 -15.36 30.93
C GLU A 88 8.14 -15.78 31.36
N GLY A 89 7.89 -17.08 31.41
CA GLY A 89 6.63 -17.62 31.91
C GLY A 89 5.42 -17.15 31.12
N LYS A 90 5.64 -16.83 29.85
CA LYS A 90 4.58 -16.36 28.96
C LYS A 90 4.56 -17.16 27.66
N LEU A 91 4.84 -18.45 27.76
CA LEU A 91 4.85 -19.34 26.61
C LEU A 91 3.50 -19.35 25.92
N GLU A 92 2.45 -19.53 26.70
CA GLU A 92 1.10 -19.67 26.17
C GLU A 92 0.70 -18.44 25.35
N LYS A 93 1.22 -17.27 25.72
CA LYS A 93 0.88 -16.03 25.03
C LYS A 93 1.56 -15.96 23.66
N LYS A 94 2.84 -16.33 23.60
CA LYS A 94 3.57 -16.39 22.34
C LYS A 94 3.05 -17.48 21.42
N LEU A 95 2.51 -18.54 22.02
CA LEU A 95 2.00 -19.65 21.24
C LEU A 95 0.79 -19.19 20.44
N ARG A 96 -0.05 -18.36 21.05
CA ARG A 96 -1.24 -17.85 20.39
C ARG A 96 -0.90 -17.03 19.14
N VAL A 97 0.26 -16.38 19.16
CA VAL A 97 0.70 -15.59 18.02
C VAL A 97 0.88 -16.48 16.79
N PHE A 98 1.35 -17.70 17.00
CA PHE A 98 1.61 -18.63 15.91
C PHE A 98 0.42 -19.55 15.64
N VAL A 99 -0.51 -19.64 16.59
CA VAL A 99 -1.66 -20.52 16.45
C VAL A 99 -2.89 -19.78 15.91
N LYS A 100 -3.00 -18.50 16.25
CA LYS A 100 -4.16 -17.69 15.86
C LYS A 100 -4.30 -17.49 14.34
N PRO A 101 -3.18 -17.21 13.64
CA PRO A 101 -3.28 -16.96 12.20
C PRO A 101 -3.90 -18.12 11.43
N THR A 102 -4.73 -17.82 10.44
CA THR A 102 -5.32 -18.86 9.61
C THR A 102 -4.24 -19.56 8.80
N VAL A 103 -3.26 -18.79 8.33
CA VAL A 103 -2.16 -19.36 7.55
C VAL A 103 -0.83 -18.99 8.18
N LEU A 104 -0.11 -20.01 8.63
CA LEU A 104 1.23 -19.82 9.17
C LEU A 104 2.25 -20.39 8.20
N ILE A 105 3.15 -19.52 7.74
CA ILE A 105 4.26 -19.96 6.90
C ILE A 105 5.49 -20.17 7.77
N ILE A 106 5.95 -21.42 7.84
CA ILE A 106 7.18 -21.74 8.56
C ILE A 106 8.26 -22.00 7.53
N ASP A 107 9.13 -21.02 7.36
CA ASP A 107 10.10 -21.00 6.28
C ASP A 107 11.44 -21.58 6.70
N GLU A 108 12.14 -22.20 5.75
CA GLU A 108 13.53 -22.58 5.92
C GLU A 108 13.75 -23.66 6.98
N GLY A 110 15.16 -26.78 8.25
CA GLY A 110 16.16 -27.81 8.03
C GLY A 110 17.56 -27.38 7.62
N TYR A 111 17.78 -26.10 7.36
CA TYR A 111 19.13 -25.63 7.10
C TYR A 111 19.91 -25.63 8.39
N LEU A 112 19.25 -25.13 9.45
CA LEU A 112 19.85 -25.07 10.76
C LEU A 112 19.28 -26.16 11.64
N LYS A 113 20.17 -26.98 12.21
CA LYS A 113 19.77 -27.92 13.23
C LYS A 113 19.20 -27.10 14.37
N LEU A 114 18.06 -27.52 14.89
CA LEU A 114 17.43 -26.79 15.99
C LEU A 114 18.01 -27.27 17.31
N ASP A 115 18.06 -26.37 18.29
CA ASP A 115 18.44 -26.74 19.65
C ASP A 115 17.54 -27.88 20.09
N PRO A 116 18.13 -29.07 20.35
CA PRO A 116 17.30 -30.21 20.76
C PRO A 116 16.44 -29.90 21.98
N ASN A 117 16.89 -28.94 22.80
CA ASN A 117 16.16 -28.52 23.97
C ASN A 117 15.00 -27.58 23.63
N SER A 118 14.96 -27.09 22.39
CA SER A 118 13.95 -26.13 21.96
C SER A 118 13.11 -26.65 20.79
N ALA A 119 13.49 -27.80 20.25
CA ALA A 119 12.77 -28.38 19.12
C ALA A 119 11.30 -28.65 19.46
N HIS A 120 11.03 -28.92 20.74
CA HIS A 120 9.68 -29.28 21.14
C HIS A 120 8.71 -28.11 21.00
N TYR A 121 9.24 -26.89 20.95
CA TYR A 121 8.39 -25.73 20.73
C TYR A 121 7.75 -25.80 19.36
N LEU A 122 8.47 -26.35 18.39
CA LEU A 122 7.94 -26.50 17.04
C LEU A 122 6.82 -27.54 17.03
N PHE A 123 7.00 -28.60 17.81
CA PHE A 123 5.97 -29.61 17.93
C PHE A 123 4.67 -29.02 18.46
N GLN A 124 4.76 -28.16 19.46
CA GLN A 124 3.56 -27.57 20.05
C GLN A 124 2.78 -26.73 19.05
N VAL A 125 3.47 -25.96 18.22
CA VAL A 125 2.82 -25.18 17.18
C VAL A 125 2.14 -26.11 16.17
N ILE A 126 2.86 -27.13 15.72
CA ILE A 126 2.31 -28.09 14.77
C ILE A 126 1.10 -28.83 15.36
N ALA A 127 1.21 -29.22 16.62
CA ALA A 127 0.16 -30.01 17.28
C ALA A 127 -1.11 -29.19 17.50
N ARG A 128 -0.94 -27.91 17.79
CA ARG A 128 -2.09 -27.04 18.08
C ARG A 128 -2.77 -26.57 16.79
N ARG A 129 -1.99 -26.40 15.73
CA ARG A 129 -2.56 -26.00 14.43
C ARG A 129 -3.14 -27.21 13.70
N TYR A 130 -2.67 -28.39 14.08
CA TYR A 130 -3.13 -29.66 13.51
C TYR A 130 -4.65 -29.79 13.48
N GLU A 131 -5.19 -29.99 12.28
CA GLU A 131 -6.64 -30.11 12.05
C GLU A 131 -7.40 -28.86 12.52
N HIS A 132 -6.72 -27.72 12.60
CA HIS A 132 -7.36 -26.45 12.91
C HIS A 132 -7.06 -25.37 11.87
N ALA A 133 -5.78 -25.14 11.59
CA ALA A 133 -5.38 -24.14 10.60
C ALA A 133 -4.09 -24.57 9.85
N PRO A 134 -4.05 -24.33 8.53
CA PRO A 134 -2.91 -24.79 7.71
C PRO A 134 -1.54 -24.23 8.10
N ILE A 135 -0.52 -25.05 7.87
CA ILE A 135 0.87 -24.61 7.88
C ILE A 135 1.43 -24.74 6.47
N ILE A 136 2.08 -23.68 6.01
CA ILE A 136 2.85 -23.74 4.77
C ILE A 136 4.32 -23.80 5.16
N LEU A 137 5.01 -24.85 4.75
CA LEU A 137 6.37 -25.08 5.18
C LEU A 137 7.33 -25.23 3.99
N THR A 138 8.51 -24.64 4.10
CA THR A 138 9.56 -24.84 3.10
C THR A 138 10.78 -25.46 3.79
N SER A 139 11.44 -26.38 3.09
CA SER A 139 12.54 -27.13 3.65
C SER A 139 13.44 -27.67 2.55
N ASN A 140 14.73 -27.80 2.85
CA ASN A 140 15.66 -28.43 1.92
C ASN A 140 15.97 -29.87 2.30
N LYS A 141 15.25 -30.40 3.29
CA LYS A 141 15.54 -31.73 3.81
C LYS A 141 14.40 -32.70 3.57
N SER A 142 14.76 -33.96 3.32
CA SER A 142 13.76 -35.03 3.21
C SER A 142 13.21 -35.33 4.58
N PHE A 143 12.00 -35.89 4.63
CA PHE A 143 11.32 -36.15 5.89
C PHE A 143 12.14 -37.09 6.79
N GLY A 144 12.87 -38.01 6.18
CA GLY A 144 13.69 -38.95 6.91
C GLY A 144 14.86 -38.29 7.64
N GLU A 145 15.19 -37.07 7.24
CA GLU A 145 16.31 -36.33 7.84
C GLU A 145 15.86 -35.42 8.99
N TRP A 146 14.56 -35.37 9.26
CA TRP A 146 14.05 -34.46 10.27
C TRP A 146 14.54 -34.80 11.67
N GLY A 147 14.84 -36.07 11.89
CA GLY A 147 15.40 -36.50 13.16
C GLY A 147 16.66 -35.72 13.49
N GLU A 148 17.53 -35.58 12.49
CA GLU A 148 18.77 -34.81 12.66
C GLU A 148 18.49 -33.34 12.98
N ILE A 149 17.50 -32.77 12.29
CA ILE A 149 17.19 -31.36 12.46
C ILE A 149 16.75 -31.05 13.89
N VAL A 150 15.86 -31.88 14.45
CA VAL A 150 15.29 -31.61 15.77
C VAL A 150 16.06 -32.33 16.88
N GLY A 151 17.02 -33.18 16.50
CA GLY A 151 17.86 -33.87 17.46
C GLY A 151 17.13 -34.97 18.22
N ASP A 152 16.09 -35.52 17.59
CA ASP A 152 15.28 -36.55 18.21
C ASP A 152 14.40 -37.18 17.14
N SER A 153 14.77 -38.39 16.71
CA SER A 153 14.06 -39.07 15.64
C SER A 153 12.61 -39.35 16.04
N VAL A 154 12.39 -39.64 17.31
CA VAL A 154 11.05 -39.95 17.81
C VAL A 154 10.16 -38.72 17.74
N LEU A 155 10.69 -37.58 18.20
CA LEU A 155 9.92 -36.34 18.17
C LEU A 155 9.62 -35.92 16.74
N ALA A 156 10.58 -36.14 15.84
CA ALA A 156 10.40 -35.81 14.43
C ALA A 156 9.26 -36.61 13.83
N THR A 157 9.19 -37.89 14.17
CA THR A 157 8.12 -38.75 13.66
C THR A 157 6.77 -38.26 14.16
N ALA A 158 6.70 -37.87 15.43
CA ALA A 158 5.47 -37.35 16.00
C ALA A 158 5.05 -36.05 15.32
N LEU A 160 5.88 -35.03 12.17
CA LEU A 160 5.51 -35.31 10.80
C LEU A 160 4.18 -36.06 10.70
N ASP A 161 3.85 -36.85 11.71
CA ASP A 161 2.59 -37.59 11.69
C ASP A 161 1.42 -36.63 11.61
N ARG A 162 1.52 -35.54 12.38
CA ARG A 162 0.51 -34.49 12.38
C ARG A 162 0.60 -33.63 11.12
N LEU A 163 1.82 -33.19 10.81
CA LEU A 163 2.04 -32.31 9.68
C LEU A 163 1.59 -32.94 8.36
N LEU A 164 1.90 -34.23 8.19
CA LEU A 164 1.68 -34.89 6.90
C LEU A 164 0.29 -35.49 6.73
N HIS A 165 -0.45 -35.65 7.83
CA HIS A 165 -1.75 -36.30 7.79
C HIS A 165 -2.66 -35.68 6.72
N HIS A 166 -2.91 -34.38 6.85
CA HIS A 166 -3.62 -33.62 5.85
C HIS A 166 -2.64 -32.66 5.19
N SER A 167 -2.14 -33.01 4.01
CA SER A 167 -1.05 -32.27 3.41
C SER A 167 -1.00 -32.36 1.89
N ILE A 168 -0.39 -31.33 1.29
CA ILE A 168 -0.11 -31.31 -0.13
C ILE A 168 1.38 -31.04 -0.29
N ILE A 169 2.09 -32.01 -0.86
CA ILE A 169 3.54 -32.00 -0.88
C ILE A 169 4.08 -31.73 -2.28
N PHE A 170 5.02 -30.79 -2.36
CA PHE A 170 5.70 -30.45 -3.60
C PHE A 170 7.20 -30.72 -3.45
N ASN A 171 7.70 -31.62 -4.29
CA ASN A 171 9.14 -31.89 -4.33
C ASN A 171 9.75 -31.19 -5.54
N LEU A 172 10.40 -30.05 -5.29
CA LEU A 172 10.92 -29.22 -6.37
C LEU A 172 12.38 -29.55 -6.64
N LYS A 173 12.79 -29.28 -7.87
CA LYS A 173 14.13 -29.57 -8.36
C LYS A 173 14.67 -28.40 -9.16
N GLY A 174 15.90 -28.54 -9.63
CA GLY A 174 16.44 -27.63 -10.61
C GLY A 174 17.59 -26.82 -10.08
N GLU A 175 18.18 -26.03 -10.95
CA GLU A 175 19.26 -25.14 -10.59
C GLU A 175 18.71 -23.94 -9.82
N SER A 176 19.54 -23.38 -8.94
CA SER A 176 19.18 -22.19 -8.19
C SER A 176 18.86 -21.03 -9.12
N TYR A 177 17.75 -20.35 -8.85
CA TYR A 177 17.40 -19.14 -9.56
C TYR A 177 18.34 -18.01 -9.17
N ARG A 178 18.91 -18.09 -7.98
CA ARG A 178 19.87 -17.10 -7.52
C ARG A 178 21.12 -17.16 -8.39
N LEU A 179 21.65 -18.37 -8.57
CA LEU A 179 22.84 -18.55 -9.40
C LEU A 179 22.50 -18.34 -10.87
N ARG A 180 21.25 -18.60 -11.24
CA ARG A 180 20.77 -18.30 -12.58
C ARG A 180 20.99 -16.84 -12.91
N GLU A 181 20.47 -15.96 -12.04
CA GLU A 181 20.54 -14.54 -12.28
C GLU A 181 21.99 -14.08 -12.27
N LYS A 182 22.81 -14.75 -11.45
CA LYS A 182 24.23 -14.46 -11.38
C LYS A 182 24.92 -14.76 -12.71
N ARG A 183 24.61 -15.91 -13.32
CA ARG A 183 25.17 -16.25 -14.64
C ARG A 183 24.82 -15.22 -15.69
N LEU A 184 23.53 -14.90 -15.73
CA LEU A 184 22.99 -14.02 -16.76
C LEU A 184 23.72 -12.69 -16.74
N GLN A 185 24.03 -12.19 -15.55
CA GLN A 185 24.82 -10.96 -15.47
C GLN A 185 26.24 -11.13 -16.02
N GLU A 186 26.92 -12.19 -15.60
CA GLU A 186 28.26 -12.49 -16.06
C GLU A 186 28.30 -12.68 -17.57
N GLU A 187 27.39 -13.50 -18.08
CA GLU A 187 27.32 -13.80 -19.51
C GLU A 187 26.88 -12.56 -20.30
N ASN B 3 19.85 14.53 2.11
CA ASN B 3 18.87 15.16 2.99
C ASN B 3 18.96 16.68 2.92
N LYS B 4 17.95 17.37 3.45
CA LYS B 4 18.05 18.80 3.69
C LYS B 4 17.09 19.26 4.77
N LEU B 5 17.66 19.95 5.76
CA LEU B 5 16.89 20.66 6.77
C LEU B 5 17.33 22.11 6.74
N PRO B 6 16.41 23.04 6.99
CA PRO B 6 16.75 24.47 6.85
C PRO B 6 17.70 24.93 7.95
N TYR B 7 17.53 24.36 9.14
CA TYR B 7 18.36 24.69 10.28
C TYR B 7 18.24 23.59 11.33
N ARG B 8 18.82 23.84 12.51
CA ARG B 8 19.03 22.78 13.49
C ARG B 8 18.17 22.90 14.75
N LYS B 9 17.08 22.15 14.83
CA LYS B 9 16.28 22.11 16.05
C LYS B 9 16.20 20.67 16.55
N THR B 10 16.35 20.49 17.87
CA THR B 10 16.26 19.18 18.48
C THR B 10 15.26 19.15 19.61
N ILE B 11 14.89 17.94 20.03
CA ILE B 11 13.91 17.78 21.08
C ILE B 11 14.49 18.27 22.41
N ASP B 12 15.82 18.21 22.53
CA ASP B 12 16.50 18.56 23.77
C ASP B 12 16.50 20.06 24.04
N THR B 13 16.27 20.86 23.00
CA THR B 13 16.16 22.30 23.17
C THR B 13 14.69 22.73 23.23
N PHE B 14 13.80 21.76 23.18
CA PHE B 14 12.37 22.04 23.30
C PHE B 14 11.92 22.05 24.75
N ASP B 15 11.43 23.20 25.20
CA ASP B 15 10.91 23.35 26.55
C ASP B 15 9.44 22.93 26.61
N PHE B 16 9.18 21.74 27.13
CA PHE B 16 7.82 21.23 27.19
C PHE B 16 6.98 21.95 28.25
N THR B 17 7.65 22.68 29.12
CA THR B 17 6.96 23.49 30.11
C THR B 17 6.34 24.71 29.44
N ALA B 18 7.02 25.23 28.43
CA ALA B 18 6.52 26.39 27.70
C ALA B 18 5.40 26.01 26.74
N GLN B 19 5.28 24.72 26.45
CA GLN B 19 4.24 24.21 25.56
C GLN B 19 3.50 23.05 26.25
N PRO B 20 2.66 23.37 27.23
CA PRO B 20 1.98 22.34 28.02
C PRO B 20 0.78 21.70 27.32
N SER B 21 0.37 22.22 26.18
CA SER B 21 -0.77 21.69 25.45
C SER B 21 -0.41 20.42 24.68
N VAL B 22 0.88 20.08 24.64
CA VAL B 22 1.33 18.86 23.97
C VAL B 22 1.77 17.83 25.00
N ASP B 23 1.42 16.58 24.74
CA ASP B 23 1.79 15.48 25.63
C ASP B 23 3.22 15.06 25.30
N GLU B 24 4.14 15.34 26.22
CA GLU B 24 5.55 15.03 26.02
C GLU B 24 5.74 13.54 25.73
N ARG B 25 4.92 12.70 26.36
CA ARG B 25 4.99 11.26 26.15
C ARG B 25 4.74 10.90 24.69
N ARG B 26 3.68 11.47 24.12
CA ARG B 26 3.33 11.23 22.73
C ARG B 26 4.47 11.65 21.81
N ILE B 27 5.11 12.76 22.14
CA ILE B 27 6.22 13.28 21.35
C ILE B 27 7.44 12.36 21.44
N ARG B 28 7.68 11.82 22.62
CA ARG B 28 8.80 10.92 22.81
C ARG B 28 8.56 9.61 22.06
N GLU B 29 7.30 9.21 21.96
CA GLU B 29 6.92 8.04 21.16
C GLU B 29 7.26 8.24 19.69
N LEU B 30 7.07 9.45 19.18
CA LEU B 30 7.40 9.76 17.79
C LEU B 30 8.88 9.53 17.53
N LEU B 31 9.71 9.85 18.52
CA LEU B 31 11.15 9.77 18.36
C LEU B 31 11.65 8.33 18.28
N THR B 32 10.79 7.37 18.61
CA THR B 32 11.10 5.96 18.41
C THR B 32 10.98 5.60 16.93
N LEU B 33 10.30 6.48 16.17
CA LEU B 33 10.14 6.33 14.72
C LEU B 33 9.25 5.14 14.35
N SER B 34 8.46 4.66 15.31
CA SER B 34 7.44 3.65 15.03
C SER B 34 6.56 4.05 13.87
N PHE B 35 6.21 5.33 13.80
CA PHE B 35 5.29 5.84 12.79
C PHE B 35 5.75 5.57 11.36
N ILE B 36 7.06 5.40 11.15
CA ILE B 36 7.58 5.18 9.82
C ILE B 36 7.09 3.87 9.21
N ASP B 37 7.28 2.77 9.93
CA ASP B 37 6.86 1.47 9.43
C ASP B 37 5.33 1.37 9.42
N ARG B 38 4.68 2.08 10.34
CA ARG B 38 3.22 2.11 10.40
C ARG B 38 2.61 3.02 9.34
N LYS B 39 3.47 3.69 8.56
CA LYS B 39 3.03 4.54 7.46
C LYS B 39 2.13 5.69 7.92
N GLU B 40 2.33 6.13 9.16
CA GLU B 40 1.50 7.18 9.74
C GLU B 40 2.07 8.57 9.49
N ASN B 41 1.22 9.49 9.06
CA ASN B 41 1.60 10.89 8.92
C ASN B 41 1.52 11.61 10.28
N ILE B 42 2.34 12.63 10.47
CA ILE B 42 2.32 13.41 11.70
C ILE B 42 1.91 14.83 11.36
N LEU B 43 0.88 15.32 12.02
CA LEU B 43 0.36 16.67 11.77
C LEU B 43 0.41 17.51 13.03
N PHE B 44 1.08 18.66 12.94
CA PHE B 44 1.12 19.64 14.03
C PHE B 44 0.29 20.86 13.64
N LEU B 45 -0.77 21.11 14.41
CA LEU B 45 -1.67 22.22 14.12
C LEU B 45 -1.71 23.23 15.27
N GLY B 46 -1.91 24.49 14.92
CA GLY B 46 -2.08 25.54 15.91
C GLY B 46 -1.52 26.87 15.46
N PRO B 47 -1.73 27.91 16.27
CA PRO B 47 -1.33 29.30 15.94
C PRO B 47 0.20 29.47 15.84
N PRO B 48 0.64 30.63 15.32
CA PRO B 48 2.06 30.89 15.07
C PRO B 48 2.95 30.84 16.30
N GLY B 49 4.15 30.27 16.14
CA GLY B 49 5.21 30.40 17.12
C GLY B 49 5.15 29.46 18.31
N ILE B 50 4.32 28.42 18.23
CA ILE B 50 4.06 27.58 19.39
C ILE B 50 4.88 26.29 19.39
N GLY B 51 5.69 26.10 18.36
CA GLY B 51 6.64 25.00 18.34
C GLY B 51 6.38 23.91 17.31
N LYS B 52 5.46 24.16 16.38
CA LYS B 52 5.11 23.18 15.37
C LYS B 52 6.30 22.78 14.51
N THR B 53 6.95 23.77 13.90
CA THR B 53 8.08 23.51 13.02
C THR B 53 9.27 22.98 13.81
N HIS B 54 9.46 23.50 15.02
CA HIS B 54 10.53 23.03 15.90
C HIS B 54 10.39 21.51 16.11
N LEU B 55 9.20 21.07 16.49
CA LEU B 55 8.95 19.65 16.74
C LEU B 55 9.09 18.82 15.48
N ALA B 56 8.58 19.34 14.36
CA ALA B 56 8.68 18.64 13.08
C ALA B 56 10.15 18.40 12.71
N ILE B 57 10.97 19.43 12.87
CA ILE B 57 12.39 19.31 12.54
C ILE B 57 13.11 18.38 13.50
N SER B 58 12.73 18.42 14.77
CA SER B 58 13.34 17.56 15.79
C SER B 58 13.20 16.09 15.42
N ILE B 59 12.04 15.72 14.91
CA ILE B 59 11.79 14.33 14.50
C ILE B 59 12.55 14.00 13.23
N GLY B 60 12.58 14.93 12.29
CA GLY B 60 13.36 14.77 11.09
C GLY B 60 14.82 14.53 11.41
N GLU B 62 16.00 13.17 14.27
CA GLU B 62 16.12 11.84 14.85
C GLU B 62 16.13 10.80 13.73
N ALA B 63 15.28 11.00 12.73
CA ALA B 63 15.21 10.08 11.60
C ALA B 63 16.54 10.01 10.85
N ILE B 64 17.14 11.17 10.61
CA ILE B 64 18.44 11.24 9.94
C ILE B 64 19.51 10.50 10.74
N ALA B 65 19.52 10.71 12.06
CA ALA B 65 20.49 10.07 12.93
C ALA B 65 20.33 8.56 12.92
N ARG B 66 19.11 8.09 12.68
CA ARG B 66 18.82 6.66 12.65
C ARG B 66 18.98 6.11 11.23
N GLY B 67 19.45 6.95 10.32
CA GLY B 67 19.81 6.52 8.97
C GLY B 67 18.71 6.61 7.92
N TYR B 68 17.65 7.34 8.22
CA TYR B 68 16.54 7.53 7.27
C TYR B 68 16.68 8.82 6.46
N LYS B 69 16.45 8.73 5.15
CA LYS B 69 16.43 9.91 4.28
C LYS B 69 15.31 10.86 4.69
N THR B 70 15.65 12.14 4.86
CA THR B 70 14.71 13.15 5.33
C THR B 70 14.78 14.40 4.47
N TYR B 71 13.63 14.96 4.15
CA TYR B 71 13.56 16.15 3.30
C TYR B 71 12.58 17.17 3.88
N PHE B 72 12.99 18.44 3.87
CA PHE B 72 12.17 19.52 4.40
C PHE B 72 11.88 20.54 3.31
N ILE B 73 10.63 20.96 3.23
CA ILE B 73 10.21 21.98 2.27
C ILE B 73 8.87 22.56 2.69
N THR B 74 8.68 23.86 2.47
CA THR B 74 7.40 24.47 2.76
C THR B 74 6.38 24.03 1.72
N ALA B 75 5.09 24.18 2.03
CA ALA B 75 4.03 23.76 1.12
C ALA B 75 4.05 24.64 -0.14
N HIS B 76 4.28 25.94 0.06
CA HIS B 76 4.33 26.88 -1.06
C HIS B 76 5.51 26.61 -2.01
N ASP B 77 6.68 26.31 -1.45
CA ASP B 77 7.84 25.99 -2.26
C ASP B 77 7.65 24.69 -3.01
N LEU B 78 7.03 23.71 -2.35
CA LEU B 78 6.80 22.40 -2.96
C LEU B 78 5.91 22.54 -4.20
N VAL B 79 4.83 23.32 -4.06
CA VAL B 79 3.88 23.52 -5.13
C VAL B 79 4.52 24.27 -6.28
N ASN B 80 5.25 25.34 -5.96
CA ASN B 80 5.88 26.16 -6.98
C ASN B 80 6.98 25.42 -7.73
N GLN B 81 7.75 24.59 -7.01
CA GLN B 81 8.82 23.84 -7.65
C GLN B 81 8.26 22.79 -8.59
N LEU B 82 7.18 22.14 -8.18
CA LEU B 82 6.55 21.11 -9.01
C LEU B 82 5.85 21.73 -10.21
N ARG B 83 5.37 22.95 -10.05
CA ARG B 83 4.74 23.68 -11.14
C ARG B 83 5.78 23.93 -12.23
N ARG B 84 6.87 24.56 -11.83
CA ARG B 84 8.01 24.84 -12.71
C ARG B 84 8.49 23.57 -13.42
N ALA B 85 8.71 22.52 -12.65
CA ALA B 85 9.16 21.24 -13.20
C ALA B 85 8.18 20.67 -14.23
N ASP B 86 6.89 20.94 -14.03
CA ASP B 86 5.86 20.46 -14.95
C ASP B 86 5.80 21.29 -16.21
N GLN B 87 5.99 22.60 -16.07
CA GLN B 87 6.03 23.50 -17.21
C GLN B 87 7.18 23.13 -18.14
N GLU B 88 8.24 22.58 -17.55
CA GLU B 88 9.42 22.16 -18.30
C GLU B 88 9.36 20.66 -18.60
N GLY B 89 8.17 20.08 -18.49
CA GLY B 89 7.93 18.70 -18.86
C GLY B 89 8.74 17.64 -18.11
N LYS B 90 9.14 17.95 -16.89
CA LYS B 90 9.90 17.01 -16.07
C LYS B 90 9.27 16.82 -14.68
N LEU B 91 7.95 16.81 -14.65
CA LEU B 91 7.20 16.64 -13.42
C LEU B 91 7.55 15.34 -12.68
N GLU B 92 7.52 14.23 -13.41
CA GLU B 92 7.73 12.92 -12.80
C GLU B 92 9.04 12.77 -12.04
N LYS B 93 10.09 13.41 -12.53
CA LYS B 93 11.40 13.29 -11.90
C LYS B 93 11.44 14.12 -10.61
N LYS B 94 10.90 15.33 -10.67
CA LYS B 94 10.85 16.20 -9.50
C LYS B 94 9.91 15.62 -8.45
N LEU B 95 8.92 14.85 -8.91
CA LEU B 95 7.97 14.21 -8.00
C LEU B 95 8.67 13.13 -7.18
N ARG B 96 9.55 12.37 -7.83
CA ARG B 96 10.31 11.32 -7.18
C ARG B 96 11.21 11.88 -6.07
N VAL B 97 11.61 13.14 -6.22
CA VAL B 97 12.44 13.80 -5.21
C VAL B 97 11.72 13.88 -3.87
N PHE B 98 10.41 14.07 -3.91
CA PHE B 98 9.61 14.22 -2.70
C PHE B 98 9.00 12.90 -2.22
N VAL B 99 9.02 11.89 -3.09
CA VAL B 99 8.44 10.59 -2.75
C VAL B 99 9.52 9.64 -2.22
N LYS B 100 10.74 9.80 -2.71
CA LYS B 100 11.83 8.90 -2.34
C LYS B 100 12.20 8.95 -0.86
N PRO B 101 12.29 10.17 -0.26
CA PRO B 101 12.68 10.24 1.14
C PRO B 101 11.74 9.48 2.06
N THR B 102 12.30 8.83 3.08
CA THR B 102 11.49 8.10 4.03
C THR B 102 10.60 9.05 4.83
N VAL B 103 11.15 10.23 5.14
CA VAL B 103 10.40 11.24 5.89
C VAL B 103 10.38 12.56 5.13
N LEU B 104 9.19 12.99 4.73
CA LEU B 104 9.01 14.27 4.08
C LEU B 104 8.31 15.24 5.02
N ILE B 105 8.98 16.36 5.31
CA ILE B 105 8.37 17.41 6.11
C ILE B 105 7.80 18.49 5.20
N ILE B 106 6.49 18.67 5.25
CA ILE B 106 5.83 19.74 4.52
C ILE B 106 5.44 20.82 5.51
N ASP B 107 6.21 21.90 5.53
CA ASP B 107 6.07 22.95 6.54
C ASP B 107 5.16 24.09 6.07
N GLU B 108 4.44 24.70 7.01
CA GLU B 108 3.70 25.94 6.76
C GLU B 108 2.57 25.77 5.76
N GLY B 110 -0.90 26.39 4.84
CA GLY B 110 -2.13 27.15 5.09
C GLY B 110 -2.00 28.63 5.35
N TYR B 111 -0.78 29.14 5.44
CA TYR B 111 -0.59 30.59 5.56
C TYR B 111 -0.83 31.25 4.22
N LEU B 112 -0.25 30.67 3.18
CA LEU B 112 -0.40 31.19 1.83
C LEU B 112 -1.39 30.31 1.08
N LYS B 113 -2.44 30.93 0.56
CA LYS B 113 -3.36 30.24 -0.32
C LYS B 113 -2.59 29.80 -1.56
N LEU B 114 -2.79 28.55 -1.95
CA LEU B 114 -2.08 27.99 -3.09
C LEU B 114 -2.83 28.31 -4.38
N ASP B 115 -2.07 28.46 -5.46
CA ASP B 115 -2.66 28.63 -6.78
C ASP B 115 -3.61 27.45 -7.02
N PRO B 116 -4.92 27.73 -7.18
CA PRO B 116 -5.87 26.62 -7.38
C PRO B 116 -5.48 25.72 -8.55
N ASN B 117 -4.75 26.28 -9.51
CA ASN B 117 -4.28 25.51 -10.66
C ASN B 117 -3.05 24.66 -10.34
N SER B 118 -2.44 24.90 -9.18
CA SER B 118 -1.22 24.20 -8.79
C SER B 118 -1.37 23.40 -7.48
N ALA B 119 -2.51 23.57 -6.82
CA ALA B 119 -2.76 22.88 -5.56
C ALA B 119 -2.71 21.36 -5.76
N HIS B 120 -3.04 20.93 -6.96
CA HIS B 120 -3.12 19.51 -7.27
C HIS B 120 -1.76 18.83 -7.22
N TYR B 121 -0.69 19.60 -7.35
CA TYR B 121 0.66 19.04 -7.23
C TYR B 121 0.88 18.50 -5.82
N LEU B 122 0.27 19.15 -4.84
CA LEU B 122 0.38 18.72 -3.45
C LEU B 122 -0.36 17.39 -3.25
N PHE B 123 -1.50 17.25 -3.92
CA PHE B 123 -2.26 16.00 -3.86
C PHE B 123 -1.43 14.81 -4.37
N GLN B 124 -0.70 15.02 -5.46
CA GLN B 124 0.10 13.96 -6.04
C GLN B 124 1.18 13.47 -5.07
N VAL B 125 1.81 14.41 -4.38
CA VAL B 125 2.81 14.06 -3.38
C VAL B 125 2.15 13.27 -2.25
N ILE B 126 1.02 13.77 -1.76
CA ILE B 126 0.29 13.11 -0.69
C ILE B 126 -0.21 11.74 -1.13
N ALA B 127 -0.73 11.66 -2.35
CA ALA B 127 -1.33 10.43 -2.85
C ALA B 127 -0.28 9.35 -3.05
N ARG B 128 0.92 9.74 -3.47
CA ARG B 128 1.99 8.79 -3.75
C ARG B 128 2.72 8.32 -2.49
N ARG B 129 2.84 9.20 -1.50
CA ARG B 129 3.47 8.83 -0.23
C ARG B 129 2.47 8.07 0.65
N TYR B 130 1.19 8.26 0.36
CA TYR B 130 0.11 7.60 1.07
C TYR B 130 0.31 6.10 1.20
N GLU B 131 0.33 5.61 2.44
CA GLU B 131 0.54 4.21 2.76
C GLU B 131 1.89 3.68 2.23
N HIS B 132 2.84 4.58 2.03
CA HIS B 132 4.20 4.20 1.63
C HIS B 132 5.27 4.82 2.55
N ALA B 133 5.23 6.14 2.70
CA ALA B 133 6.20 6.83 3.56
C ALA B 133 5.56 8.04 4.25
N PRO B 134 5.89 8.25 5.54
CA PRO B 134 5.25 9.33 6.30
C PRO B 134 5.45 10.74 5.75
N ILE B 135 4.45 11.57 5.96
CA ILE B 135 4.57 13.01 5.80
C ILE B 135 4.43 13.65 7.17
N ILE B 136 5.35 14.55 7.50
CA ILE B 136 5.21 15.38 8.69
C ILE B 136 4.79 16.76 8.24
N LEU B 137 3.64 17.22 8.72
CA LEU B 137 3.05 18.46 8.25
C LEU B 137 2.78 19.43 9.39
N THR B 138 3.05 20.71 9.15
CA THR B 138 2.68 21.76 10.09
C THR B 138 1.74 22.74 9.41
N SER B 139 0.76 23.23 10.17
CA SER B 139 -0.28 24.09 9.63
C SER B 139 -0.93 24.91 10.74
N ASN B 140 -1.39 26.11 10.39
CA ASN B 140 -2.12 26.95 11.32
C ASN B 140 -3.63 26.91 11.08
N LYS B 141 -4.06 26.01 10.20
CA LYS B 141 -5.45 25.97 9.77
C LYS B 141 -6.14 24.70 10.21
N SER B 142 -7.42 24.81 10.54
CA SER B 142 -8.22 23.63 10.86
C SER B 142 -8.49 22.90 9.54
N PHE B 143 -8.77 21.60 9.63
CA PHE B 143 -8.96 20.78 8.45
C PHE B 143 -10.13 21.24 7.59
N GLY B 144 -11.16 21.78 8.23
CA GLY B 144 -12.32 22.28 7.52
C GLY B 144 -12.02 23.50 6.66
N GLU B 145 -10.89 24.14 6.93
CA GLU B 145 -10.49 25.35 6.20
C GLU B 145 -9.58 25.06 5.01
N TRP B 146 -9.26 23.79 4.78
CA TRP B 146 -8.32 23.45 3.70
C TRP B 146 -8.88 23.78 2.32
N GLY B 147 -10.20 23.76 2.18
CA GLY B 147 -10.84 24.13 0.93
C GLY B 147 -10.41 25.53 0.50
N GLU B 148 -10.38 26.45 1.45
CA GLU B 148 -9.96 27.82 1.21
C GLU B 148 -8.51 27.88 0.75
N ILE B 149 -7.65 27.07 1.38
CA ILE B 149 -6.24 27.06 1.08
C ILE B 149 -5.95 26.64 -0.35
N VAL B 150 -6.59 25.55 -0.78
CA VAL B 150 -6.32 24.96 -2.09
C VAL B 150 -7.28 25.47 -3.17
N GLY B 151 -8.30 26.22 -2.76
CA GLY B 151 -9.25 26.80 -3.68
C GLY B 151 -10.19 25.77 -4.27
N ASP B 152 -10.42 24.68 -3.54
CA ASP B 152 -11.28 23.59 -4.00
C ASP B 152 -11.59 22.66 -2.82
N SER B 153 -12.81 22.77 -2.30
CA SER B 153 -13.20 21.99 -1.13
C SER B 153 -13.18 20.49 -1.42
N VAL B 154 -13.52 20.12 -2.66
CA VAL B 154 -13.57 18.71 -3.04
C VAL B 154 -12.17 18.12 -3.07
N LEU B 155 -11.24 18.84 -3.68
CA LEU B 155 -9.85 18.38 -3.75
C LEU B 155 -9.23 18.34 -2.35
N ALA B 156 -9.60 19.30 -1.52
CA ALA B 156 -9.11 19.35 -0.15
C ALA B 156 -9.55 18.10 0.63
N THR B 157 -10.79 17.69 0.43
CA THR B 157 -11.31 16.51 1.09
C THR B 157 -10.57 15.26 0.64
N ALA B 158 -10.29 15.16 -0.65
CA ALA B 158 -9.55 14.03 -1.21
C ALA B 158 -8.14 13.97 -0.66
N LEU B 160 -7.15 15.24 2.35
CA LEU B 160 -7.20 14.95 3.77
C LEU B 160 -7.61 13.51 4.04
N ASP B 161 -8.40 12.94 3.13
CA ASP B 161 -8.83 11.55 3.30
C ASP B 161 -7.61 10.65 3.34
N ARG B 162 -6.65 10.94 2.48
CA ARG B 162 -5.39 10.19 2.43
C ARG B 162 -4.47 10.57 3.58
N LEU B 163 -4.28 11.87 3.77
CA LEU B 163 -3.37 12.37 4.79
C LEU B 163 -3.76 11.91 6.18
N LEU B 164 -5.06 11.93 6.47
CA LEU B 164 -5.55 11.66 7.82
C LEU B 164 -5.81 10.18 8.11
N HIS B 165 -5.89 9.35 7.08
CA HIS B 165 -6.23 7.94 7.27
C HIS B 165 -5.32 7.27 8.29
N HIS B 166 -4.03 7.29 8.01
CA HIS B 166 -3.02 6.83 8.96
C HIS B 166 -2.25 8.06 9.45
N SER B 167 -2.60 8.53 10.63
CA SER B 167 -2.07 9.80 11.11
C SER B 167 -2.04 9.94 12.63
N ILE B 168 -1.11 10.77 13.09
CA ILE B 168 -1.02 11.15 14.50
C ILE B 168 -1.10 12.67 14.54
N ILE B 169 -2.17 13.18 15.16
CA ILE B 169 -2.50 14.58 15.09
C ILE B 169 -2.24 15.28 16.41
N PHE B 170 -1.55 16.41 16.34
CA PHE B 170 -1.31 17.25 17.50
C PHE B 170 -1.92 18.63 17.29
N ASN B 171 -2.88 18.97 18.16
CA ASN B 171 -3.50 20.28 18.14
C ASN B 171 -2.90 21.11 19.25
N LEU B 172 -1.98 22.00 18.89
CA LEU B 172 -1.21 22.78 19.85
C LEU B 172 -1.84 24.13 20.11
N LYS B 173 -1.58 24.63 21.31
CA LYS B 173 -2.15 25.87 21.81
C LYS B 173 -1.05 26.70 22.46
N GLY B 174 -1.39 27.91 22.89
CA GLY B 174 -0.51 28.69 23.72
C GLY B 174 -0.03 29.95 23.03
N GLU B 175 0.68 30.77 23.79
CA GLU B 175 1.25 32.01 23.28
C GLU B 175 2.49 31.73 22.43
N SER B 176 2.73 32.60 21.46
CA SER B 176 3.91 32.50 20.61
C SER B 176 5.20 32.57 21.42
N TYR B 177 6.11 31.65 21.12
CA TYR B 177 7.44 31.66 21.74
C TYR B 177 8.29 32.80 21.17
N ARG B 178 7.97 33.22 19.95
CA ARG B 178 8.67 34.34 19.33
C ARG B 178 8.43 35.61 20.13
N LEU B 179 7.17 35.85 20.47
CA LEU B 179 6.81 37.04 21.24
C LEU B 179 7.32 36.96 22.67
N ARG B 180 7.47 35.76 23.22
CA ARG B 180 8.10 35.61 24.54
C ARG B 180 9.50 36.22 24.52
N GLU B 181 10.29 35.79 23.54
CA GLU B 181 11.66 36.24 23.40
C GLU B 181 11.74 37.73 23.05
N LYS B 182 10.75 38.22 22.29
CA LYS B 182 10.68 39.63 21.95
C LYS B 182 10.51 40.47 23.21
N ARG B 183 9.58 40.03 24.07
CA ARG B 183 9.34 40.67 25.35
C ARG B 183 10.61 40.69 26.20
N LEU B 184 11.33 39.57 26.26
CA LEU B 184 12.58 39.52 27.02
C LEU B 184 13.61 40.54 26.52
N GLN B 185 13.74 40.69 25.21
CA GLN B 185 14.64 41.71 24.65
C GLN B 185 14.20 43.11 25.00
N GLU B 186 12.90 43.37 24.96
CA GLU B 186 12.36 44.68 25.34
C GLU B 186 12.78 45.04 26.76
N GLU B 187 12.90 44.03 27.62
CA GLU B 187 13.32 44.26 29.00
C GLU B 187 14.82 44.54 29.10
N LYS B 188 15.59 43.97 28.18
CA LYS B 188 17.04 44.25 28.14
C LYS B 188 17.28 45.72 27.83
N GLN B 189 16.41 46.30 27.01
CA GLN B 189 16.46 47.73 26.70
C GLN B 189 15.63 48.51 27.72
N ARG C 8 -3.48 -4.63 -3.33
CA ARG C 8 -4.14 -5.85 -3.78
C ARG C 8 -5.33 -6.12 -2.87
N LYS C 9 -6.51 -5.72 -3.34
CA LYS C 9 -7.75 -5.88 -2.61
C LYS C 9 -8.70 -6.77 -3.39
N THR C 10 -9.45 -7.61 -2.68
CA THR C 10 -10.46 -8.46 -3.32
C THR C 10 -11.83 -8.21 -2.72
N ILE C 11 -12.84 -8.79 -3.34
CA ILE C 11 -14.22 -8.59 -2.94
C ILE C 11 -14.46 -9.19 -1.55
N ASP C 12 -13.65 -10.18 -1.19
CA ASP C 12 -13.87 -10.92 0.05
C ASP C 12 -13.54 -10.10 1.30
N THR C 13 -12.78 -9.02 1.14
CA THR C 13 -12.51 -8.11 2.23
C THR C 13 -13.41 -6.88 2.18
N PHE C 14 -14.32 -6.84 1.21
CA PHE C 14 -15.24 -5.71 1.08
C PHE C 14 -16.48 -5.91 1.94
N ASP C 15 -16.66 -4.98 2.88
CA ASP C 15 -17.80 -4.98 3.78
C ASP C 15 -19.00 -4.30 3.13
N PHE C 16 -19.95 -5.10 2.65
CA PHE C 16 -21.14 -4.57 2.00
C PHE C 16 -22.12 -3.97 3.00
N THR C 17 -21.93 -4.26 4.29
CA THR C 17 -22.74 -3.67 5.33
C THR C 17 -22.33 -2.20 5.52
N ALA C 18 -21.02 -1.94 5.39
CA ALA C 18 -20.48 -0.60 5.55
C ALA C 18 -20.78 0.27 4.33
N GLN C 19 -21.11 -0.37 3.21
CA GLN C 19 -21.41 0.34 1.96
C GLN C 19 -22.73 -0.14 1.37
N PRO C 20 -23.85 0.31 1.95
CA PRO C 20 -25.18 -0.14 1.52
C PRO C 20 -25.68 0.52 0.24
N SER C 21 -24.96 1.53 -0.25
CA SER C 21 -25.38 2.25 -1.46
C SER C 21 -25.06 1.46 -2.74
N VAL C 22 -24.30 0.38 -2.60
CA VAL C 22 -23.98 -0.48 -3.74
C VAL C 22 -24.71 -1.83 -3.60
N ASP C 23 -25.23 -2.33 -4.71
CA ASP C 23 -25.95 -3.60 -4.71
C ASP C 23 -24.95 -4.76 -4.83
N GLU C 24 -24.81 -5.53 -3.76
CA GLU C 24 -23.84 -6.63 -3.72
C GLU C 24 -24.05 -7.63 -4.85
N ARG C 25 -25.30 -7.92 -5.19
CA ARG C 25 -25.57 -8.87 -6.26
C ARG C 25 -25.02 -8.38 -7.58
N ARG C 26 -25.25 -7.12 -7.89
CA ARG C 26 -24.74 -6.53 -9.12
C ARG C 26 -23.21 -6.60 -9.19
N ILE C 27 -22.57 -6.36 -8.06
CA ILE C 27 -21.11 -6.38 -8.00
C ILE C 27 -20.56 -7.77 -8.23
N ARG C 28 -21.20 -8.78 -7.65
CA ARG C 28 -20.74 -10.16 -7.83
C ARG C 28 -20.95 -10.67 -9.25
N GLU C 29 -21.97 -10.16 -9.94
CA GLU C 29 -22.17 -10.46 -11.34
C GLU C 29 -20.98 -9.95 -12.16
N LEU C 30 -20.43 -8.81 -11.79
CA LEU C 30 -19.24 -8.29 -12.46
C LEU C 30 -18.08 -9.26 -12.33
N LEU C 31 -17.98 -9.92 -11.17
CA LEU C 31 -16.85 -10.80 -10.90
C LEU C 31 -16.90 -12.08 -11.73
N THR C 32 -18.04 -12.34 -12.38
CA THR C 32 -18.12 -13.44 -13.34
C THR C 32 -17.39 -13.06 -14.62
N LEU C 33 -17.09 -11.77 -14.75
CA LEU C 33 -16.30 -11.23 -15.86
C LEU C 33 -17.03 -11.34 -17.21
N SER C 34 -18.35 -11.54 -17.17
CA SER C 34 -19.19 -11.49 -18.36
C SER C 34 -19.00 -10.20 -19.14
N PHE C 35 -18.83 -9.10 -18.41
CA PHE C 35 -18.72 -7.76 -19.01
C PHE C 35 -17.59 -7.67 -20.04
N ILE C 36 -16.61 -8.55 -19.93
CA ILE C 36 -15.44 -8.52 -20.82
C ILE C 36 -15.85 -8.75 -22.27
N ASP C 37 -16.54 -9.86 -22.53
CA ASP C 37 -16.96 -10.18 -23.89
C ASP C 37 -18.05 -9.21 -24.38
N ARG C 38 -18.85 -8.69 -23.46
CA ARG C 38 -19.88 -7.72 -23.81
C ARG C 38 -19.30 -6.33 -24.04
N LYS C 39 -17.99 -6.20 -23.84
CA LYS C 39 -17.28 -4.95 -24.14
C LYS C 39 -17.81 -3.80 -23.29
N GLU C 40 -18.32 -4.12 -22.09
CA GLU C 40 -18.92 -3.11 -21.23
C GLU C 40 -17.91 -2.49 -20.28
N ASN C 41 -17.91 -1.16 -20.23
CA ASN C 41 -17.09 -0.45 -19.26
C ASN C 41 -17.79 -0.40 -17.91
N ILE C 42 -17.00 -0.37 -16.85
CA ILE C 42 -17.54 -0.29 -15.50
C ILE C 42 -17.09 1.01 -14.87
N LEU C 43 -18.04 1.79 -14.36
CA LEU C 43 -17.75 3.08 -13.76
C LEU C 43 -18.21 3.13 -12.32
N PHE C 44 -17.29 3.47 -11.41
CA PHE C 44 -17.61 3.68 -10.01
C PHE C 44 -17.49 5.17 -9.70
N LEU C 45 -18.61 5.78 -9.33
CA LEU C 45 -18.65 7.21 -9.03
C LEU C 45 -19.02 7.48 -7.58
N GLY C 46 -18.48 8.56 -7.03
CA GLY C 46 -18.83 8.99 -5.68
C GLY C 46 -17.66 9.61 -4.94
N PRO C 47 -17.92 10.14 -3.73
CA PRO C 47 -16.92 10.84 -2.93
C PRO C 47 -15.76 9.95 -2.45
N PRO C 48 -14.69 10.57 -1.92
CA PRO C 48 -13.48 9.84 -1.51
C PRO C 48 -13.72 8.79 -0.44
N GLY C 49 -13.04 7.65 -0.56
CA GLY C 49 -12.97 6.67 0.50
C GLY C 49 -14.13 5.71 0.65
N ILE C 50 -15.00 5.65 -0.36
CA ILE C 50 -16.25 4.89 -0.24
C ILE C 50 -16.17 3.50 -0.88
N GLY C 51 -15.02 3.18 -1.48
CA GLY C 51 -14.78 1.82 -1.97
C GLY C 51 -14.68 1.69 -3.48
N LYS C 52 -14.58 2.83 -4.18
CA LYS C 52 -14.53 2.82 -5.64
C LYS C 52 -13.32 2.05 -6.15
N THR C 53 -12.14 2.46 -5.69
CA THR C 53 -10.89 1.84 -6.15
C THR C 53 -10.79 0.39 -5.65
N HIS C 54 -11.27 0.14 -4.44
CA HIS C 54 -11.28 -1.20 -3.89
C HIS C 54 -12.05 -2.15 -4.82
N LEU C 55 -13.26 -1.74 -5.21
CA LEU C 55 -14.09 -2.56 -6.08
C LEU C 55 -13.46 -2.74 -7.46
N ALA C 56 -12.90 -1.66 -8.01
CA ALA C 56 -12.23 -1.73 -9.30
C ALA C 56 -11.07 -2.73 -9.27
N ILE C 57 -10.26 -2.65 -8.22
CA ILE C 57 -9.11 -3.54 -8.08
C ILE C 57 -9.59 -4.98 -7.84
N SER C 58 -10.67 -5.13 -7.07
CA SER C 58 -11.23 -6.45 -6.80
C SER C 58 -11.56 -7.17 -8.10
N ILE C 59 -12.12 -6.41 -9.05
CA ILE C 59 -12.46 -6.96 -10.35
C ILE C 59 -11.20 -7.23 -11.14
N GLY C 60 -10.26 -6.30 -11.08
CA GLY C 60 -8.95 -6.48 -11.69
C GLY C 60 -8.25 -7.71 -11.17
N GLU C 62 -9.66 -10.39 -9.90
CA GLU C 62 -10.36 -11.59 -10.36
C GLU C 62 -9.98 -11.89 -11.80
N ALA C 63 -9.86 -10.84 -12.62
CA ALA C 63 -9.47 -11.01 -14.01
C ALA C 63 -8.07 -11.63 -14.09
N ILE C 64 -7.16 -11.11 -13.27
CA ILE C 64 -5.79 -11.62 -13.23
C ILE C 64 -5.79 -13.10 -12.84
N ALA C 65 -6.58 -13.45 -11.83
CA ALA C 65 -6.64 -14.83 -11.36
C ALA C 65 -7.17 -15.76 -12.44
N ARG C 66 -8.01 -15.22 -13.32
CA ARG C 66 -8.61 -16.01 -14.40
C ARG C 66 -7.79 -15.95 -15.69
N GLY C 67 -6.60 -15.33 -15.63
CA GLY C 67 -5.68 -15.34 -16.74
C GLY C 67 -5.81 -14.21 -17.75
N TYR C 68 -6.53 -13.15 -17.38
CA TYR C 68 -6.70 -11.99 -18.26
C TYR C 68 -5.67 -10.93 -17.95
N LYS C 69 -5.03 -10.41 -19.00
CA LYS C 69 -4.06 -9.34 -18.83
C LYS C 69 -4.77 -8.10 -18.29
N THR C 70 -4.21 -7.53 -17.23
CA THR C 70 -4.84 -6.41 -16.53
C THR C 70 -3.82 -5.33 -16.23
N TYR C 71 -4.21 -4.07 -16.41
CA TYR C 71 -3.32 -2.94 -16.21
C TYR C 71 -4.03 -1.83 -15.43
N PHE C 72 -3.32 -1.25 -14.47
CA PHE C 72 -3.85 -0.21 -13.60
C PHE C 72 -3.06 1.09 -13.75
N ILE C 73 -3.75 2.21 -13.87
CA ILE C 73 -3.09 3.51 -13.93
C ILE C 73 -4.07 4.63 -13.63
N THR C 74 -3.60 5.68 -12.97
CA THR C 74 -4.45 6.83 -12.69
C THR C 74 -4.68 7.61 -13.97
N ALA C 75 -5.70 8.45 -14.00
CA ALA C 75 -6.02 9.23 -15.19
C ALA C 75 -4.91 10.25 -15.46
N HIS C 76 -4.43 10.92 -14.43
CA HIS C 76 -3.38 11.92 -14.60
C HIS C 76 -2.07 11.26 -15.05
N ASP C 77 -1.75 10.10 -14.47
CA ASP C 77 -0.53 9.38 -14.86
C ASP C 77 -0.60 8.91 -16.32
N LEU C 78 -1.77 8.45 -16.74
CA LEU C 78 -1.95 7.97 -18.11
C LEU C 78 -1.71 9.12 -19.11
N VAL C 79 -2.29 10.27 -18.81
CA VAL C 79 -2.18 11.43 -19.69
C VAL C 79 -0.74 11.93 -19.76
N ASN C 80 -0.09 12.02 -18.60
CA ASN C 80 1.27 12.53 -18.52
C ASN C 80 2.29 11.61 -19.19
N GLN C 81 2.07 10.30 -19.08
CA GLN C 81 2.98 9.34 -19.68
C GLN C 81 2.88 9.37 -21.21
N LEU C 82 1.66 9.52 -21.72
CA LEU C 82 1.45 9.56 -23.16
C LEU C 82 1.97 10.86 -23.76
N ARG C 83 2.00 11.91 -22.95
CA ARG C 83 2.54 13.21 -23.37
C ARG C 83 4.01 13.10 -23.75
N ARG C 84 4.83 12.69 -22.79
CA ARG C 84 6.24 12.43 -23.01
C ARG C 84 6.50 11.48 -24.17
N ALA C 85 5.79 10.36 -24.17
CA ALA C 85 5.94 9.36 -25.22
C ALA C 85 5.72 9.99 -26.58
N ASP C 86 4.84 10.98 -26.65
CA ASP C 86 4.57 11.69 -27.90
C ASP C 86 5.68 12.70 -28.17
N GLN C 87 6.16 13.35 -27.11
CA GLN C 87 7.26 14.29 -27.23
C GLN C 87 8.52 13.57 -27.71
N GLU C 88 8.65 12.30 -27.32
CA GLU C 88 9.78 11.48 -27.71
C GLU C 88 9.45 10.58 -28.90
N GLY C 89 8.37 10.91 -29.60
CA GLY C 89 8.01 10.24 -30.84
C GLY C 89 7.74 8.75 -30.73
N LYS C 90 7.32 8.30 -29.54
CA LYS C 90 7.02 6.89 -29.32
C LYS C 90 5.62 6.72 -28.74
N LEU C 91 4.70 7.59 -29.17
CA LEU C 91 3.32 7.57 -28.70
C LEU C 91 2.62 6.25 -29.04
N GLU C 92 2.72 5.83 -30.30
CA GLU C 92 2.04 4.61 -30.76
C GLU C 92 2.48 3.40 -29.93
N LYS C 93 3.73 3.44 -29.47
CA LYS C 93 4.28 2.35 -28.66
C LYS C 93 3.68 2.38 -27.26
N LYS C 94 3.64 3.56 -26.67
CA LYS C 94 3.07 3.76 -25.34
C LYS C 94 1.56 3.58 -25.32
N LEU C 95 0.90 3.85 -26.44
CA LEU C 95 -0.55 3.73 -26.51
C LEU C 95 -0.96 2.26 -26.39
N ARG C 96 -0.23 1.39 -27.06
CA ARG C 96 -0.53 -0.04 -27.04
C ARG C 96 -0.43 -0.64 -25.64
N VAL C 97 0.39 -0.04 -24.79
CA VAL C 97 0.51 -0.49 -23.41
C VAL C 97 -0.86 -0.40 -22.73
N PHE C 98 -1.63 0.61 -23.09
CA PHE C 98 -2.94 0.84 -22.49
C PHE C 98 -4.08 0.20 -23.29
N VAL C 99 -3.80 -0.16 -24.53
CA VAL C 99 -4.83 -0.75 -25.40
C VAL C 99 -4.78 -2.28 -25.40
N LYS C 100 -3.58 -2.83 -25.22
CA LYS C 100 -3.39 -4.28 -25.29
C LYS C 100 -4.11 -5.06 -24.17
N PRO C 101 -4.05 -4.56 -22.93
CA PRO C 101 -4.66 -5.32 -21.82
C PRO C 101 -6.16 -5.56 -22.03
N THR C 102 -6.62 -6.75 -21.63
CA THR C 102 -8.04 -7.08 -21.71
C THR C 102 -8.85 -6.19 -20.77
N VAL C 103 -8.27 -5.90 -19.60
CA VAL C 103 -8.93 -5.05 -18.61
C VAL C 103 -8.00 -3.89 -18.24
N LEU C 104 -8.44 -2.68 -18.55
CA LEU C 104 -7.70 -1.48 -18.17
C LEU C 104 -8.46 -0.73 -17.08
N ILE C 105 -7.80 -0.54 -15.94
CA ILE C 105 -8.38 0.26 -14.87
C ILE C 105 -7.82 1.67 -14.94
N ILE C 106 -8.70 2.65 -15.17
CA ILE C 106 -8.31 4.06 -15.15
C ILE C 106 -8.85 4.66 -13.86
N ASP C 107 -7.96 4.84 -12.90
CA ASP C 107 -8.33 5.23 -11.55
C ASP C 107 -8.26 6.73 -11.36
N GLU C 108 -9.13 7.25 -10.48
CA GLU C 108 -9.02 8.62 -10.00
C GLU C 108 -9.26 9.67 -11.11
N GLY C 110 -10.86 12.71 -12.38
CA GLY C 110 -11.58 13.90 -11.97
C GLY C 110 -11.14 14.59 -10.68
N TYR C 111 -10.19 14.01 -9.96
CA TYR C 111 -9.64 14.70 -8.80
C TYR C 111 -8.75 15.82 -9.29
N LEU C 112 -7.93 15.49 -10.28
CA LEU C 112 -7.00 16.44 -10.88
C LEU C 112 -7.49 16.89 -12.26
N LYS C 113 -7.62 18.20 -12.45
CA LYS C 113 -7.86 18.72 -13.78
C LYS C 113 -6.69 18.29 -14.66
N LEU C 114 -7.00 17.77 -15.83
CA LEU C 114 -5.98 17.30 -16.75
C LEU C 114 -5.49 18.45 -17.61
N ASP C 115 -4.23 18.39 -18.02
CA ASP C 115 -3.68 19.36 -18.96
C ASP C 115 -4.58 19.40 -20.20
N PRO C 116 -5.23 20.56 -20.46
CA PRO C 116 -6.13 20.65 -21.61
C PRO C 116 -5.46 20.26 -22.92
N ASN C 117 -4.15 20.44 -22.99
CA ASN C 117 -3.38 20.08 -24.18
C ASN C 117 -3.08 18.58 -24.28
N SER C 118 -3.33 17.86 -23.19
CA SER C 118 -3.01 16.44 -23.12
C SER C 118 -4.24 15.56 -22.89
N ALA C 119 -5.39 16.20 -22.66
CA ALA C 119 -6.64 15.49 -22.41
C ALA C 119 -7.00 14.58 -23.58
N HIS C 120 -6.56 14.96 -24.77
CA HIS C 120 -6.92 14.20 -25.96
C HIS C 120 -6.29 12.81 -25.96
N TYR C 121 -5.21 12.64 -25.21
CA TYR C 121 -4.57 11.33 -25.08
C TYR C 121 -5.51 10.33 -24.42
N LEU C 122 -6.33 10.82 -23.49
CA LEU C 122 -7.32 9.98 -22.81
C LEU C 122 -8.42 9.54 -23.77
N PHE C 123 -8.82 10.44 -24.67
CA PHE C 123 -9.81 10.11 -25.68
C PHE C 123 -9.31 8.97 -26.57
N GLN C 124 -8.04 9.04 -26.92
CA GLN C 124 -7.42 8.05 -27.81
C GLN C 124 -7.47 6.65 -27.20
N VAL C 125 -7.19 6.55 -25.90
CA VAL C 125 -7.27 5.28 -25.21
C VAL C 125 -8.72 4.78 -25.17
N ILE C 126 -9.63 5.65 -24.80
CA ILE C 126 -11.05 5.30 -24.73
C ILE C 126 -11.57 4.90 -26.11
N ALA C 127 -11.17 5.64 -27.14
CA ALA C 127 -11.66 5.41 -28.49
C ALA C 127 -11.16 4.09 -29.05
N ARG C 128 -9.93 3.71 -28.71
CA ARG C 128 -9.34 2.48 -29.23
C ARG C 128 -9.85 1.25 -28.51
N ARG C 129 -10.13 1.38 -27.22
CA ARG C 129 -10.66 0.29 -26.43
C ARG C 129 -12.17 0.14 -26.64
N TYR C 130 -12.80 1.21 -27.10
CA TYR C 130 -14.24 1.24 -27.38
C TYR C 130 -14.69 0.04 -28.24
N GLU C 131 -15.63 -0.73 -27.71
CA GLU C 131 -16.16 -1.93 -28.38
C GLU C 131 -15.07 -2.97 -28.69
N HIS C 132 -13.98 -2.94 -27.93
CA HIS C 132 -12.93 -3.96 -28.06
C HIS C 132 -12.58 -4.61 -26.72
N ALA C 133 -12.24 -3.80 -25.73
CA ALA C 133 -11.91 -4.30 -24.40
C ALA C 133 -12.35 -3.32 -23.31
N PRO C 134 -12.87 -3.84 -22.17
CA PRO C 134 -13.43 -2.99 -21.12
C PRO C 134 -12.46 -2.01 -20.48
N ILE C 135 -13.00 -0.87 -20.05
CA ILE C 135 -12.32 0.05 -19.15
C ILE C 135 -13.07 0.04 -17.83
N ILE C 136 -12.33 -0.09 -16.74
CA ILE C 136 -12.89 0.09 -15.41
C ILE C 136 -12.40 1.44 -14.88
N LEU C 137 -13.33 2.31 -14.56
CA LEU C 137 -13.00 3.69 -14.22
C LEU C 137 -13.55 4.07 -12.86
N THR C 138 -12.76 4.83 -12.09
CA THR C 138 -13.23 5.42 -10.84
C THR C 138 -13.11 6.94 -10.92
N SER C 139 -14.09 7.62 -10.33
CA SER C 139 -14.15 9.07 -10.41
C SER C 139 -14.98 9.64 -9.26
N ASN C 140 -14.64 10.85 -8.84
CA ASN C 140 -15.41 11.56 -7.82
C ASN C 140 -16.31 12.65 -8.44
N LYS C 141 -16.36 12.68 -9.76
CA LYS C 141 -17.07 13.72 -10.49
C LYS C 141 -18.26 13.17 -11.30
N SER C 142 -19.32 13.96 -11.37
CA SER C 142 -20.46 13.64 -12.22
C SER C 142 -20.07 13.86 -13.68
N PHE C 143 -20.76 13.18 -14.59
CA PHE C 143 -20.43 13.23 -16.01
C PHE C 143 -20.53 14.65 -16.57
N GLY C 144 -21.45 15.44 -16.04
CA GLY C 144 -21.62 16.81 -16.49
C GLY C 144 -20.43 17.70 -16.17
N GLU C 145 -19.59 17.26 -15.24
CA GLU C 145 -18.42 18.03 -14.82
C GLU C 145 -17.17 17.66 -15.60
N TRP C 146 -17.27 16.70 -16.51
CA TRP C 146 -16.10 16.22 -17.23
C TRP C 146 -15.49 17.29 -18.13
N GLY C 147 -16.33 18.22 -18.59
CA GLY C 147 -15.86 19.34 -19.39
C GLY C 147 -14.79 20.13 -18.64
N GLU C 148 -15.05 20.38 -17.36
CA GLU C 148 -14.10 21.08 -16.51
C GLU C 148 -12.81 20.29 -16.34
N ILE C 149 -12.94 18.98 -16.19
CA ILE C 149 -11.79 18.11 -15.96
C ILE C 149 -10.83 18.13 -17.14
N VAL C 150 -11.36 18.01 -18.34
CA VAL C 150 -10.54 17.90 -19.54
C VAL C 150 -10.34 19.26 -20.21
N GLY C 151 -11.03 20.28 -19.73
CA GLY C 151 -10.88 21.63 -20.23
C GLY C 151 -11.47 21.81 -21.62
N ASP C 152 -12.48 21.01 -21.94
CA ASP C 152 -13.11 21.04 -23.25
C ASP C 152 -14.43 20.27 -23.19
N SER C 153 -15.53 21.00 -23.15
CA SER C 153 -16.85 20.42 -23.02
C SER C 153 -17.20 19.50 -24.20
N VAL C 154 -16.75 19.88 -25.38
CA VAL C 154 -17.04 19.11 -26.59
C VAL C 154 -16.29 17.78 -26.57
N LEU C 155 -15.02 17.82 -26.22
CA LEU C 155 -14.21 16.61 -26.17
C LEU C 155 -14.72 15.67 -25.09
N ALA C 156 -15.19 16.24 -23.98
CA ALA C 156 -15.73 15.44 -22.89
C ALA C 156 -16.96 14.66 -23.34
N THR C 157 -17.83 15.32 -24.11
CA THR C 157 -19.03 14.67 -24.62
C THR C 157 -18.67 13.54 -25.57
N ALA C 158 -17.69 13.77 -26.43
CA ALA C 158 -17.25 12.75 -27.37
C ALA C 158 -16.66 11.57 -26.61
N LEU C 160 -17.36 10.61 -23.41
CA LEU C 160 -18.38 9.91 -22.66
C LEU C 160 -19.34 9.15 -23.58
N ASP C 161 -19.52 9.65 -24.79
CA ASP C 161 -20.40 8.98 -25.74
C ASP C 161 -19.90 7.56 -25.99
N ARG C 162 -18.58 7.42 -26.09
CA ARG C 162 -17.94 6.12 -26.29
C ARG C 162 -17.90 5.31 -24.99
N LEU C 163 -17.44 5.95 -23.92
CA LEU C 163 -17.30 5.29 -22.63
C LEU C 163 -18.62 4.74 -22.11
N LEU C 164 -19.69 5.51 -22.25
CA LEU C 164 -20.97 5.17 -21.63
C LEU C 164 -21.87 4.28 -22.50
N HIS C 165 -21.56 4.17 -23.79
CA HIS C 165 -22.40 3.42 -24.73
C HIS C 165 -22.68 2.02 -24.21
N HIS C 166 -21.61 1.26 -24.01
CA HIS C 166 -21.69 -0.04 -23.38
C HIS C 166 -21.06 0.09 -21.99
N SER C 167 -21.91 0.23 -20.97
CA SER C 167 -21.41 0.55 -19.64
C SER C 167 -22.32 0.09 -18.51
N ILE C 168 -21.70 -0.14 -17.36
CA ILE C 168 -22.41 -0.44 -16.13
C ILE C 168 -21.94 0.57 -15.10
N ILE C 169 -22.86 1.40 -14.63
CA ILE C 169 -22.53 2.54 -13.79
C ILE C 169 -22.98 2.34 -12.35
N PHE C 170 -22.06 2.61 -11.42
CA PHE C 170 -22.37 2.55 -10.00
C PHE C 170 -22.13 3.92 -9.38
N ASN C 171 -23.19 4.47 -8.80
CA ASN C 171 -23.12 5.72 -8.04
C ASN C 171 -23.13 5.42 -6.55
N LEU C 172 -21.95 5.48 -5.95
CA LEU C 172 -21.78 5.11 -4.55
C LEU C 172 -21.89 6.32 -3.64
N LYS C 173 -22.31 6.07 -2.39
CA LYS C 173 -22.49 7.11 -1.39
C LYS C 173 -21.89 6.64 -0.07
N GLY C 174 -21.92 7.51 0.91
CA GLY C 174 -21.55 7.15 2.27
C GLY C 174 -20.33 7.87 2.79
N GLU C 175 -20.03 7.65 4.07
CA GLU C 175 -18.87 8.24 4.73
C GLU C 175 -17.60 7.55 4.28
N SER C 176 -16.50 8.28 4.27
CA SER C 176 -15.20 7.71 3.94
C SER C 176 -14.85 6.56 4.89
N TYR C 177 -14.41 5.46 4.31
CA TYR C 177 -13.93 4.32 5.09
C TYR C 177 -12.59 4.64 5.75
N ARG C 178 -11.82 5.54 5.13
CA ARG C 178 -10.54 5.95 5.68
C ARG C 178 -10.72 6.68 7.01
N LEU C 179 -11.64 7.64 7.01
CA LEU C 179 -11.93 8.42 8.21
C LEU C 179 -12.64 7.60 9.27
N ARG C 180 -13.46 6.64 8.83
CA ARG C 180 -14.10 5.74 9.77
C ARG C 180 -13.01 5.02 10.54
N GLU C 181 -12.04 4.46 9.82
CA GLU C 181 -10.96 3.71 10.45
C GLU C 181 -10.12 4.61 11.34
N LYS C 182 -9.94 5.86 10.95
CA LYS C 182 -9.18 6.81 11.76
C LYS C 182 -9.88 7.02 13.11
N ARG C 183 -11.19 7.20 13.07
CA ARG C 183 -11.98 7.31 14.28
C ARG C 183 -11.82 6.07 15.17
N LEU C 184 -11.89 4.89 14.55
CA LEU C 184 -11.81 3.62 15.27
C LEU C 184 -10.48 3.50 16.03
N GLN C 185 -9.41 3.91 15.36
CA GLN C 185 -8.06 3.90 15.93
C GLN C 185 -8.03 4.85 17.12
N GLU C 186 -8.62 6.03 16.92
CA GLU C 186 -8.72 7.03 17.97
C GLU C 186 -9.44 6.46 19.20
N GLU C 187 -10.62 5.89 18.98
CA GLU C 187 -11.41 5.30 20.06
C GLU C 187 -10.79 4.00 20.60
#